data_6GTR
#
_entry.id   6GTR
#
_cell.length_a   87.880
_cell.length_b   87.880
_cell.length_c   125.610
_cell.angle_alpha   90.00
_cell.angle_beta   90.00
_cell.angle_gamma   120.00
#
_symmetry.space_group_name_H-M   'P 31 2 1'
#
loop_
_entity.id
_entity.type
_entity.pdbx_description
1 polymer N-acetyltransferase
2 polymer 'DUF1778 domain-containing protein'
3 non-polymer 'ACETYL COENZYME *A'
4 non-polymer 'MAGNESIUM ION'
5 non-polymer GLYCEROL
6 water water
#
loop_
_entity_poly.entity_id
_entity_poly.type
_entity_poly.pdbx_seq_one_letter_code
_entity_poly.pdbx_strand_id
1 'polypeptide(L)'
;MGASDDLTIEILTDDADYDLQRFDCGEEALNLFLTTHLVRQHRNKILRAYILCRNTPERQVLGYYTLCGSCFERAALPSK
SKQKKIPYKNIPSVTLGRLAIDRSLQGQGWGATLVAHAMNVVWSASLAVGIHGLFVEALNEKAHTFFKSLGFIPLVGENE
NALFFPTKSIELLFTQSD
;
A,B
2 'polypeptide(L)' MAAEVIEQHRRVILNEESWTRVMDALSNPPSPGEKLKRAAKRLQGM C,D
#
loop_
_chem_comp.id
_chem_comp.type
_chem_comp.name
_chem_comp.formula
ACO non-polymer 'ACETYL COENZYME *A' 'C23 H38 N7 O17 P3 S'
GOL non-polymer GLYCEROL 'C3 H8 O3'
MG non-polymer 'MAGNESIUM ION' 'Mg 2'
#
# COMPACT_ATOMS: atom_id res chain seq x y z
N ASP A 5 -5.91 -30.17 -2.23
CA ASP A 5 -7.20 -29.60 -2.56
C ASP A 5 -7.19 -29.09 -3.97
N ASP A 6 -8.36 -28.80 -4.51
CA ASP A 6 -8.52 -28.30 -5.86
C ASP A 6 -8.42 -26.79 -5.85
N LEU A 7 -8.93 -26.20 -4.78
CA LEU A 7 -9.04 -24.75 -4.55
C LEU A 7 -7.74 -23.93 -4.49
N THR A 8 -7.73 -22.70 -5.09
CA THR A 8 -6.60 -21.73 -5.05
C THR A 8 -7.06 -20.28 -4.76
N ILE A 9 -6.16 -19.44 -4.21
CA ILE A 9 -6.48 -18.02 -3.92
C ILE A 9 -5.59 -17.16 -4.83
N GLU A 10 -6.20 -16.29 -5.64
CA GLU A 10 -5.45 -15.45 -6.58
C GLU A 10 -6.08 -14.07 -6.75
N ILE A 11 -5.33 -13.09 -7.24
CA ILE A 11 -5.90 -11.77 -7.55
C ILE A 11 -6.63 -11.93 -8.89
N LEU A 12 -7.74 -11.27 -9.09
CA LEU A 12 -8.50 -11.45 -10.28
C LEU A 12 -7.61 -11.17 -11.39
N THR A 13 -7.63 -11.98 -12.41
CA THR A 13 -6.77 -11.76 -13.54
C THR A 13 -7.49 -11.03 -14.61
N ASP A 14 -6.94 -9.90 -15.00
CA ASP A 14 -7.63 -8.98 -15.88
C ASP A 14 -8.13 -9.54 -17.20
N ASP A 15 -7.42 -10.49 -17.80
CA ASP A 15 -7.88 -10.93 -19.12
C ASP A 15 -8.49 -12.35 -19.10
N ALA A 16 -9.21 -12.70 -18.01
CA ALA A 16 -9.80 -14.03 -17.83
C ALA A 16 -11.28 -14.03 -17.50
N ASP A 17 -11.95 -15.20 -17.68
CA ASP A 17 -13.38 -15.40 -17.40
C ASP A 17 -13.58 -16.36 -16.24
N TYR A 18 -14.50 -15.96 -15.34
CA TYR A 18 -14.84 -16.68 -14.13
C TYR A 18 -16.31 -17.13 -14.12
N ASP A 19 -16.60 -18.31 -13.50
CA ASP A 19 -17.97 -18.83 -13.34
C ASP A 19 -18.49 -18.21 -12.03
N LEU A 20 -19.41 -17.26 -12.13
CA LEU A 20 -19.87 -16.46 -10.99
C LEU A 20 -21.34 -16.58 -10.67
N GLN A 21 -22.16 -16.80 -11.71
CA GLN A 21 -23.63 -16.81 -11.58
C GLN A 21 -24.17 -17.81 -10.58
N ARG A 22 -23.52 -18.97 -10.42
CA ARG A 22 -23.97 -20.00 -9.48
C ARG A 22 -23.69 -19.70 -7.97
N PHE A 23 -22.74 -18.77 -7.67
CA PHE A 23 -22.33 -18.40 -6.31
C PHE A 23 -23.50 -17.97 -5.40
N ASP A 24 -23.52 -18.51 -4.14
CA ASP A 24 -24.48 -18.23 -3.07
C ASP A 24 -23.83 -18.45 -1.70
N CYS A 25 -23.53 -17.33 -1.02
CA CYS A 25 -22.93 -17.23 0.31
C CYS A 25 -23.99 -17.04 1.41
N GLY A 26 -25.27 -16.93 1.02
CA GLY A 26 -26.40 -16.75 1.92
C GLY A 26 -26.80 -15.33 2.28
N GLU A 27 -26.26 -14.33 1.54
CA GLU A 27 -26.50 -12.89 1.71
C GLU A 27 -26.53 -12.25 0.33
N GLU A 28 -27.75 -11.90 -0.17
CA GLU A 28 -28.01 -11.35 -1.51
C GLU A 28 -27.09 -10.18 -1.92
N ALA A 29 -26.77 -9.27 -0.98
CA ALA A 29 -25.92 -8.10 -1.23
C ALA A 29 -24.53 -8.49 -1.67
N LEU A 30 -23.95 -9.56 -1.10
CA LEU A 30 -22.60 -10.03 -1.47
C LEU A 30 -22.63 -10.79 -2.80
N ASN A 31 -23.67 -11.57 -3.02
CA ASN A 31 -23.84 -12.34 -4.24
C ASN A 31 -23.95 -11.41 -5.39
N LEU A 32 -24.82 -10.44 -5.24
CA LEU A 32 -25.04 -9.41 -6.22
C LEU A 32 -23.78 -8.65 -6.52
N PHE A 33 -23.05 -8.29 -5.49
CA PHE A 33 -21.82 -7.55 -5.70
C PHE A 33 -20.87 -8.34 -6.59
N LEU A 34 -20.70 -9.63 -6.32
CA LEU A 34 -19.82 -10.46 -7.10
C LEU A 34 -20.23 -10.57 -8.58
N THR A 35 -21.51 -10.91 -8.83
CA THR A 35 -22.04 -11.20 -10.17
C THR A 35 -22.35 -9.97 -11.04
N THR A 36 -22.30 -8.73 -10.49
CA THR A 36 -22.61 -7.50 -11.26
C THR A 36 -21.66 -6.28 -11.05
N HIS A 37 -20.86 -6.24 -9.95
CA HIS A 37 -20.02 -5.07 -9.62
C HIS A 37 -18.53 -5.30 -9.34
N LEU A 38 -18.15 -6.51 -8.88
CA LEU A 38 -16.78 -6.82 -8.51
C LEU A 38 -15.79 -6.69 -9.67
N VAL A 39 -16.10 -7.30 -10.84
CA VAL A 39 -15.19 -7.21 -12.01
C VAL A 39 -15.05 -5.76 -12.48
N ARG A 40 -16.16 -4.99 -12.70
CA ARG A 40 -15.98 -3.59 -13.17
C ARG A 40 -15.15 -2.75 -12.19
N GLN A 41 -15.41 -2.85 -10.85
CA GLN A 41 -14.67 -2.07 -9.83
C GLN A 41 -13.19 -2.42 -9.75
N HIS A 42 -12.83 -3.72 -9.90
CA HIS A 42 -11.43 -4.14 -9.91
C HIS A 42 -10.71 -3.56 -11.14
N ARG A 43 -11.29 -3.77 -12.31
CA ARG A 43 -10.71 -3.32 -13.58
C ARG A 43 -10.57 -1.78 -13.65
N ASN A 44 -11.49 -1.01 -12.99
CA ASN A 44 -11.47 0.48 -12.92
C ASN A 44 -10.58 1.00 -11.79
N LYS A 45 -9.95 0.08 -11.09
CA LYS A 45 -9.05 0.39 -10.02
C LYS A 45 -9.71 1.01 -8.82
N ILE A 46 -10.96 0.70 -8.61
CA ILE A 46 -11.76 1.18 -7.46
C ILE A 46 -11.31 0.40 -6.22
N LEU A 47 -11.18 -0.92 -6.37
CA LEU A 47 -10.72 -1.83 -5.34
C LEU A 47 -9.83 -2.90 -5.96
N ARG A 48 -9.32 -3.81 -5.11
CA ARG A 48 -8.52 -4.96 -5.54
C ARG A 48 -9.26 -6.21 -5.11
N ALA A 49 -9.81 -6.95 -6.10
CA ALA A 49 -10.57 -8.18 -5.89
C ALA A 49 -9.69 -9.44 -5.91
N TYR A 50 -9.89 -10.29 -4.91
CA TYR A 50 -9.18 -11.56 -4.73
C TYR A 50 -10.20 -12.68 -4.71
N ILE A 51 -9.90 -13.78 -5.42
CA ILE A 51 -10.85 -14.87 -5.63
C ILE A 51 -10.36 -16.23 -5.11
N LEU A 52 -11.28 -16.99 -4.48
CA LEU A 52 -11.09 -18.39 -4.05
C LEU A 52 -11.87 -19.19 -5.10
N CYS A 53 -11.16 -19.89 -5.98
CA CYS A 53 -11.77 -20.66 -7.07
C CYS A 53 -11.20 -22.05 -7.18
N ARG A 54 -11.77 -22.87 -8.07
CA ARG A 54 -11.45 -24.28 -8.23
C ARG A 54 -10.13 -24.65 -8.94
N ASN A 55 -9.46 -23.73 -9.65
CA ASN A 55 -8.18 -24.06 -10.36
C ASN A 55 -8.40 -25.11 -11.48
N THR A 56 -9.33 -24.76 -12.35
CA THR A 56 -9.74 -25.51 -13.52
C THR A 56 -9.80 -24.41 -14.57
N PRO A 57 -9.84 -24.68 -15.90
CA PRO A 57 -9.94 -23.57 -16.85
C PRO A 57 -11.29 -22.83 -16.73
N GLU A 58 -12.31 -23.51 -16.23
CA GLU A 58 -13.65 -22.98 -16.10
C GLU A 58 -13.74 -21.96 -15.01
N ARG A 59 -12.77 -22.00 -14.12
CA ARG A 59 -12.64 -21.13 -12.94
C ARG A 59 -13.87 -20.74 -12.17
N GLN A 60 -14.38 -21.69 -11.43
CA GLN A 60 -15.61 -21.57 -10.62
C GLN A 60 -15.28 -20.87 -9.31
N VAL A 61 -15.77 -19.62 -9.14
CA VAL A 61 -15.55 -18.84 -7.91
C VAL A 61 -16.42 -19.38 -6.75
N LEU A 62 -15.78 -19.57 -5.58
CA LEU A 62 -16.42 -20.11 -4.38
C LEU A 62 -16.24 -19.21 -3.15
N GLY A 63 -15.58 -18.08 -3.35
CA GLY A 63 -15.33 -17.10 -2.32
C GLY A 63 -14.54 -15.93 -2.86
N TYR A 64 -14.66 -14.76 -2.21
CA TYR A 64 -13.93 -13.56 -2.61
C TYR A 64 -13.63 -12.62 -1.45
N TYR A 65 -12.73 -11.67 -1.70
CA TYR A 65 -12.45 -10.59 -0.76
C TYR A 65 -12.03 -9.37 -1.55
N THR A 66 -12.19 -8.20 -0.95
CA THR A 66 -11.82 -6.96 -1.60
C THR A 66 -10.81 -6.23 -0.72
N LEU A 67 -9.89 -5.48 -1.33
CA LEU A 67 -8.91 -4.67 -0.63
C LEU A 67 -8.86 -3.27 -1.24
N CYS A 68 -8.71 -2.25 -0.39
CA CYS A 68 -8.53 -0.86 -0.75
C CYS A 68 -7.66 -0.15 0.25
N GLY A 69 -6.71 0.63 -0.25
CA GLY A 69 -5.87 1.49 0.56
C GLY A 69 -6.76 2.54 1.20
N SER A 70 -6.46 2.88 2.43
CA SER A 70 -7.26 3.79 3.22
C SER A 70 -6.37 4.44 4.24
N CYS A 71 -6.91 5.35 5.07
CA CYS A 71 -6.21 6.02 6.18
C CYS A 71 -7.16 6.41 7.28
N PHE A 72 -6.82 6.06 8.51
CA PHE A 72 -7.61 6.40 9.68
C PHE A 72 -7.12 7.71 10.29
N GLU A 73 -8.06 8.56 10.66
CA GLU A 73 -7.78 9.84 11.27
C GLU A 73 -8.72 10.08 12.45
N ARG A 74 -8.55 11.14 13.24
CA ARG A 74 -9.42 11.30 14.41
C ARG A 74 -10.20 12.64 14.32
N ALA A 75 -10.65 13.21 15.46
CA ALA A 75 -11.38 14.49 15.46
C ALA A 75 -10.70 15.53 16.37
N ALA A 76 -11.10 16.84 16.23
CA ALA A 76 -10.61 18.00 16.99
C ALA A 76 -9.07 18.04 17.07
N LYS A 89 -3.32 13.84 13.40
CA LYS A 89 -2.65 12.57 13.13
C LYS A 89 -3.46 11.61 12.24
N ASN A 90 -2.75 11.06 11.22
CA ASN A 90 -3.20 10.13 10.19
C ASN A 90 -2.46 8.77 10.30
N ILE A 91 -3.14 7.68 9.97
CA ILE A 91 -2.50 6.39 9.92
C ILE A 91 -2.85 5.72 8.58
N PRO A 92 -1.84 5.48 7.73
CA PRO A 92 -2.08 4.80 6.44
C PRO A 92 -2.26 3.30 6.61
N SER A 93 -3.38 2.78 6.09
CA SER A 93 -3.76 1.37 6.22
C SER A 93 -4.36 0.76 4.93
N VAL A 94 -4.99 -0.42 5.07
CA VAL A 94 -5.70 -1.16 4.03
C VAL A 94 -7.01 -1.61 4.66
N THR A 95 -8.07 -1.61 3.86
CA THR A 95 -9.37 -2.04 4.31
C THR A 95 -9.88 -3.25 3.53
N LEU A 96 -10.34 -4.28 4.26
CA LEU A 96 -10.99 -5.42 3.66
C LEU A 96 -12.49 -5.07 3.81
N GLY A 97 -13.10 -4.60 2.72
CA GLY A 97 -14.50 -4.17 2.71
C GLY A 97 -15.51 -5.29 2.62
N ARG A 98 -15.22 -6.30 1.79
CA ARG A 98 -16.11 -7.43 1.55
C ARG A 98 -15.38 -8.75 1.62
N LEU A 99 -16.01 -9.75 2.26
CA LEU A 99 -15.54 -11.13 2.39
C LEU A 99 -16.76 -12.02 2.27
N ALA A 100 -16.66 -13.08 1.44
CA ALA A 100 -17.75 -14.01 1.18
C ALA A 100 -17.26 -15.39 0.88
N ILE A 101 -17.95 -16.40 1.44
CA ILE A 101 -17.66 -17.82 1.22
C ILE A 101 -18.95 -18.53 0.79
N ASP A 102 -18.91 -19.21 -0.35
CA ASP A 102 -20.07 -19.92 -0.87
C ASP A 102 -20.52 -20.98 0.12
N ARG A 103 -21.84 -21.20 0.19
CA ARG A 103 -22.48 -22.17 1.08
C ARG A 103 -21.80 -23.53 1.12
N SER A 104 -21.41 -24.07 -0.07
CA SER A 104 -20.77 -25.37 -0.23
C SER A 104 -19.51 -25.55 0.62
N LEU A 105 -18.74 -24.46 0.79
CA LEU A 105 -17.49 -24.45 1.55
C LEU A 105 -17.59 -23.97 3.00
N GLN A 106 -18.81 -23.64 3.46
CA GLN A 106 -19.03 -23.12 4.82
C GLN A 106 -18.89 -24.23 5.89
N GLY A 107 -18.21 -23.87 6.98
CA GLY A 107 -17.85 -24.76 8.09
C GLY A 107 -16.57 -25.51 7.80
N GLN A 108 -15.78 -25.04 6.80
CA GLN A 108 -14.54 -25.69 6.37
C GLN A 108 -13.26 -24.83 6.58
N GLY A 109 -13.39 -23.73 7.31
CA GLY A 109 -12.27 -22.86 7.67
C GLY A 109 -11.68 -22.03 6.56
N TRP A 110 -12.41 -21.91 5.44
CA TRP A 110 -11.98 -21.19 4.25
C TRP A 110 -11.97 -19.67 4.37
N GLY A 111 -13.00 -19.09 5.00
CA GLY A 111 -13.11 -17.66 5.27
C GLY A 111 -11.94 -17.10 6.04
N ALA A 112 -11.49 -17.80 7.10
CA ALA A 112 -10.32 -17.38 7.89
C ALA A 112 -9.03 -17.39 7.05
N THR A 113 -8.84 -18.44 6.20
CA THR A 113 -7.71 -18.59 5.26
C THR A 113 -7.67 -17.39 4.31
N LEU A 114 -8.85 -16.92 3.88
CA LEU A 114 -8.97 -15.75 3.02
C LEU A 114 -8.49 -14.49 3.76
N VAL A 115 -8.83 -14.35 5.05
CA VAL A 115 -8.39 -13.23 5.89
C VAL A 115 -6.85 -13.33 6.09
N ALA A 116 -6.33 -14.56 6.21
CA ALA A 116 -4.90 -14.82 6.37
C ALA A 116 -4.17 -14.47 5.07
N HIS A 117 -4.77 -14.80 3.91
CA HIS A 117 -4.23 -14.44 2.60
C HIS A 117 -4.23 -12.92 2.47
N ALA A 118 -5.34 -12.27 2.91
CA ALA A 118 -5.48 -10.82 2.95
C ALA A 118 -4.34 -10.23 3.76
N MET A 119 -4.10 -10.78 4.98
CA MET A 119 -3.02 -10.33 5.87
C MET A 119 -1.63 -10.47 5.27
N ASN A 120 -1.40 -11.50 4.45
CA ASN A 120 -0.11 -11.68 3.79
C ASN A 120 0.14 -10.64 2.68
N VAL A 121 -0.95 -10.16 2.03
CA VAL A 121 -0.90 -9.14 0.98
C VAL A 121 -0.56 -7.79 1.65
N VAL A 122 -1.32 -7.43 2.71
CA VAL A 122 -1.17 -6.20 3.48
C VAL A 122 0.25 -6.13 4.07
N TRP A 123 0.78 -7.28 4.56
CA TRP A 123 2.13 -7.34 5.14
C TRP A 123 3.19 -7.01 4.10
N SER A 124 3.06 -7.67 2.95
CA SER A 124 3.94 -7.52 1.81
C SER A 124 4.01 -6.06 1.41
N ALA A 125 2.84 -5.40 1.30
CA ALA A 125 2.70 -3.99 0.91
C ALA A 125 3.30 -3.06 1.97
N SER A 126 3.23 -3.42 3.27
CA SER A 126 3.84 -2.65 4.36
C SER A 126 5.33 -2.71 4.20
N LEU A 127 5.87 -3.88 3.84
CA LEU A 127 7.31 -4.05 3.66
C LEU A 127 7.85 -3.24 2.52
N ALA A 128 7.04 -3.05 1.46
CA ALA A 128 7.40 -2.26 0.29
C ALA A 128 7.25 -0.73 0.51
N VAL A 129 6.04 -0.25 0.91
CA VAL A 129 5.77 1.19 1.03
C VAL A 129 5.55 1.76 2.47
N GLY A 130 5.13 0.94 3.43
CA GLY A 130 4.88 1.41 4.80
C GLY A 130 3.41 1.58 5.16
N ILE A 131 2.71 0.48 5.52
CA ILE A 131 1.30 0.45 5.90
C ILE A 131 1.26 -0.06 7.34
N HIS A 132 0.44 0.57 8.21
CA HIS A 132 0.47 0.28 9.64
C HIS A 132 -0.52 -0.73 10.19
N GLY A 133 -1.63 -0.96 9.49
CA GLY A 133 -2.63 -1.87 9.98
C GLY A 133 -3.68 -2.32 8.98
N LEU A 134 -4.48 -3.29 9.39
CA LEU A 134 -5.57 -3.79 8.55
C LEU A 134 -6.91 -3.51 9.23
N PHE A 135 -7.82 -2.88 8.49
CA PHE A 135 -9.15 -2.52 8.98
C PHE A 135 -10.12 -3.43 8.26
N VAL A 136 -11.23 -3.73 8.92
CA VAL A 136 -12.20 -4.65 8.37
C VAL A 136 -13.62 -4.11 8.56
N GLU A 137 -14.53 -4.47 7.64
CA GLU A 137 -15.92 -4.04 7.71
C GLU A 137 -16.82 -5.14 8.21
N ALA A 138 -17.47 -4.92 9.39
CA ALA A 138 -18.37 -5.92 9.97
C ALA A 138 -19.86 -5.49 9.98
N LEU A 139 -20.53 -5.68 8.87
CA LEU A 139 -21.92 -5.22 8.79
C LEU A 139 -22.91 -5.91 9.71
N ASN A 140 -22.91 -7.22 9.79
CA ASN A 140 -23.81 -7.87 10.75
C ASN A 140 -23.05 -8.43 11.97
N GLU A 141 -23.77 -8.86 13.02
CA GLU A 141 -23.19 -9.40 14.26
C GLU A 141 -22.41 -10.73 14.07
N LYS A 142 -22.81 -11.60 13.11
CA LYS A 142 -22.15 -12.91 12.83
C LYS A 142 -20.72 -12.74 12.28
N ALA A 143 -20.50 -11.67 11.50
CA ALA A 143 -19.21 -11.30 10.95
C ALA A 143 -18.39 -10.69 12.07
N HIS A 144 -19.01 -9.80 12.85
CA HIS A 144 -18.39 -9.11 13.98
C HIS A 144 -17.71 -10.11 14.92
N THR A 145 -18.40 -11.22 15.19
CA THR A 145 -17.93 -12.33 16.01
C THR A 145 -16.78 -13.11 15.29
N PHE A 146 -16.85 -13.25 13.94
CA PHE A 146 -15.83 -13.92 13.14
C PHE A 146 -14.47 -13.23 13.30
N PHE A 147 -14.35 -11.95 12.89
CA PHE A 147 -13.10 -11.18 12.95
C PHE A 147 -12.59 -11.04 14.39
N LYS A 148 -13.49 -10.98 15.37
CA LYS A 148 -13.12 -10.95 16.77
C LYS A 148 -12.41 -12.27 17.16
N SER A 149 -12.88 -13.42 16.60
CA SER A 149 -12.25 -14.75 16.84
C SER A 149 -10.90 -14.85 16.12
N LEU A 150 -10.63 -13.92 15.19
CA LEU A 150 -9.35 -13.86 14.51
C LEU A 150 -8.39 -12.83 15.14
N GLY A 151 -8.81 -12.24 16.26
CA GLY A 151 -8.00 -11.30 17.02
C GLY A 151 -8.13 -9.84 16.64
N PHE A 152 -9.14 -9.52 15.80
CA PHE A 152 -9.39 -8.14 15.36
C PHE A 152 -9.94 -7.33 16.54
N ILE A 153 -9.40 -6.14 16.77
CA ILE A 153 -9.82 -5.28 17.87
C ILE A 153 -11.11 -4.51 17.50
N PRO A 154 -12.24 -4.76 18.22
CA PRO A 154 -13.48 -4.02 17.91
C PRO A 154 -13.47 -2.54 18.29
N LEU A 155 -13.84 -1.68 17.31
CA LEU A 155 -13.95 -0.24 17.52
C LEU A 155 -15.38 0.10 17.95
N VAL A 156 -15.52 1.24 18.64
CA VAL A 156 -16.77 1.69 19.25
C VAL A 156 -17.40 2.98 18.72
N GLY A 157 -18.68 3.16 19.08
CA GLY A 157 -19.51 4.28 18.65
C GLY A 157 -19.75 4.39 17.16
N GLU A 158 -19.30 5.50 16.57
CA GLU A 158 -19.41 5.80 15.13
C GLU A 158 -18.63 4.77 14.29
N ASN A 159 -17.58 4.16 14.88
CA ASN A 159 -16.70 3.17 14.23
C ASN A 159 -17.05 1.70 14.53
N GLU A 160 -18.27 1.46 15.06
CA GLU A 160 -18.81 0.15 15.46
C GLU A 160 -18.56 -0.98 14.48
N ASN A 161 -18.83 -0.73 13.18
CA ASN A 161 -18.70 -1.72 12.11
C ASN A 161 -17.28 -1.85 11.56
N ALA A 162 -16.29 -1.47 12.37
CA ALA A 162 -14.87 -1.58 12.03
C ALA A 162 -14.08 -2.23 13.16
N LEU A 163 -13.12 -3.07 12.78
CA LEU A 163 -12.20 -3.78 13.66
C LEU A 163 -10.81 -3.64 13.05
N PHE A 164 -9.76 -3.62 13.88
CA PHE A 164 -8.39 -3.43 13.42
C PHE A 164 -7.40 -4.49 13.86
N PHE A 165 -6.49 -4.85 12.94
CA PHE A 165 -5.39 -5.75 13.24
C PHE A 165 -4.09 -5.06 12.82
N PRO A 166 -3.12 -4.82 13.76
CA PRO A 166 -1.87 -4.15 13.37
C PRO A 166 -1.02 -4.99 12.42
N THR A 167 -0.16 -4.33 11.63
CA THR A 167 0.80 -5.00 10.74
C THR A 167 1.76 -5.85 11.61
N LYS A 168 2.16 -5.35 12.80
CA LYS A 168 3.08 -6.04 13.70
C LYS A 168 2.57 -7.39 14.14
N SER A 169 1.24 -7.51 14.30
CA SER A 169 0.60 -8.78 14.67
C SER A 169 0.59 -9.68 13.47
N ILE A 170 0.37 -9.10 12.27
CA ILE A 170 0.39 -9.84 11.00
C ILE A 170 1.80 -10.43 10.82
N GLU A 171 2.85 -9.61 11.07
CA GLU A 171 4.25 -9.99 10.95
C GLU A 171 4.51 -11.19 11.84
N LEU A 172 4.03 -11.14 13.11
CA LEU A 172 4.18 -12.23 14.09
C LEU A 172 3.63 -13.56 13.58
N LEU A 173 2.44 -13.55 12.96
CA LEU A 173 1.75 -14.72 12.41
C LEU A 173 2.61 -15.51 11.38
N PHE A 174 3.30 -14.82 10.51
CA PHE A 174 4.09 -15.49 9.51
C PHE A 174 5.56 -15.43 9.82
N THR A 175 5.91 -15.19 11.07
CA THR A 175 7.31 -15.10 11.43
C THR A 175 7.53 -15.93 12.65
N GLN A 176 6.65 -15.78 13.60
CA GLN A 176 6.76 -16.54 14.79
C GLN A 176 7.22 -17.88 14.33
N ASP B 5 30.96 -5.08 -7.90
CA ASP B 5 30.92 -5.31 -9.35
C ASP B 5 30.30 -4.12 -10.11
N ASP B 6 29.02 -3.81 -9.84
CA ASP B 6 28.24 -2.73 -10.42
C ASP B 6 27.24 -2.16 -9.40
N LEU B 7 26.35 -1.25 -9.81
CA LEU B 7 25.38 -0.64 -8.90
C LEU B 7 24.07 -1.42 -8.84
N THR B 8 23.43 -1.44 -7.65
CA THR B 8 22.15 -2.12 -7.41
C THR B 8 21.29 -1.35 -6.42
N ILE B 9 19.98 -1.41 -6.61
CA ILE B 9 19.03 -0.78 -5.71
C ILE B 9 18.33 -1.90 -4.91
N GLU B 10 18.23 -1.70 -3.59
CA GLU B 10 17.60 -2.69 -2.70
C GLU B 10 17.09 -2.06 -1.42
N ILE B 11 16.07 -2.68 -0.83
CA ILE B 11 15.56 -2.23 0.45
C ILE B 11 16.61 -2.49 1.57
N LEU B 12 16.57 -1.65 2.61
CA LEU B 12 17.47 -1.78 3.74
C LEU B 12 17.08 -3.04 4.52
N THR B 13 18.09 -3.66 5.13
CA THR B 13 17.96 -4.82 6.00
C THR B 13 18.31 -4.32 7.40
N ASP B 14 17.45 -4.61 8.38
CA ASP B 14 17.59 -4.20 9.79
C ASP B 14 18.92 -4.69 10.40
N ASP B 15 19.49 -5.77 9.87
CA ASP B 15 20.77 -6.29 10.38
C ASP B 15 22.05 -5.86 9.63
N ALA B 16 21.98 -5.80 8.31
CA ALA B 16 23.09 -5.43 7.43
C ALA B 16 24.05 -4.36 7.95
N ASP B 17 25.34 -4.60 7.71
CA ASP B 17 26.45 -3.71 8.05
C ASP B 17 26.66 -2.81 6.82
N TYR B 18 26.42 -1.49 6.98
CA TYR B 18 26.56 -0.52 5.89
C TYR B 18 27.57 0.59 6.21
N ASP B 19 28.24 1.12 5.19
CA ASP B 19 29.16 2.23 5.37
C ASP B 19 28.47 3.53 4.95
N LEU B 20 27.93 4.27 5.94
CA LEU B 20 27.22 5.55 5.75
C LEU B 20 28.11 6.79 5.97
N GLN B 21 29.30 6.59 6.54
CA GLN B 21 30.21 7.69 6.87
C GLN B 21 30.76 8.42 5.62
N ARG B 22 31.24 7.65 4.62
CA ARG B 22 31.84 8.20 3.41
C ARG B 22 30.82 8.90 2.49
N PHE B 23 29.52 8.61 2.63
CA PHE B 23 28.47 9.21 1.79
C PHE B 23 28.39 10.75 1.90
N ASP B 24 28.39 11.42 0.72
CA ASP B 24 28.29 12.88 0.56
C ASP B 24 27.53 13.30 -0.72
N CYS B 25 26.31 13.83 -0.55
CA CYS B 25 25.52 14.42 -1.64
C CYS B 25 25.75 15.93 -1.51
N GLY B 26 25.01 16.77 -2.23
CA GLY B 26 25.16 18.22 -2.09
C GLY B 26 24.73 18.75 -0.71
N GLU B 27 23.41 18.56 -0.41
CA GLU B 27 22.61 18.94 0.75
C GLU B 27 23.11 18.36 2.07
N GLU B 28 22.87 19.11 3.17
CA GLU B 28 23.29 18.77 4.53
C GLU B 28 22.16 18.14 5.35
N ALA B 29 20.91 18.56 5.06
CA ALA B 29 19.73 18.03 5.74
C ALA B 29 19.51 16.55 5.34
N LEU B 30 19.86 16.18 4.06
CA LEU B 30 19.80 14.82 3.50
C LEU B 30 21.07 14.06 3.81
N ASN B 31 22.06 14.78 4.24
CA ASN B 31 23.32 14.18 4.55
C ASN B 31 23.27 13.44 5.83
N LEU B 32 22.94 14.19 6.86
CA LEU B 32 22.87 13.65 8.22
C LEU B 32 21.84 12.56 8.43
N PHE B 33 20.70 12.65 7.74
CA PHE B 33 19.62 11.67 7.84
C PHE B 33 20.11 10.22 7.68
N LEU B 34 21.00 9.97 6.71
CA LEU B 34 21.54 8.64 6.46
C LEU B 34 22.33 8.08 7.66
N THR B 35 23.31 8.85 8.18
CA THR B 35 24.21 8.51 9.30
C THR B 35 23.58 8.37 10.71
N THR B 36 22.53 9.17 10.99
CA THR B 36 21.91 9.23 12.32
C THR B 36 20.44 8.73 12.43
N HIS B 37 19.68 8.71 11.33
CA HIS B 37 18.24 8.43 11.36
C HIS B 37 17.74 7.22 10.56
N LEU B 38 18.03 7.22 9.27
CA LEU B 38 17.57 6.18 8.34
C LEU B 38 17.40 4.77 8.91
N VAL B 39 18.50 4.22 9.43
CA VAL B 39 18.52 2.84 9.94
C VAL B 39 17.52 2.64 11.08
N ARG B 40 17.44 3.57 12.05
CA ARG B 40 16.51 3.45 13.19
C ARG B 40 15.08 3.61 12.73
N GLN B 41 14.81 4.59 11.87
CA GLN B 41 13.48 4.85 11.34
C GLN B 41 12.97 3.72 10.45
N HIS B 42 13.89 2.96 9.79
CA HIS B 42 13.49 1.81 8.97
C HIS B 42 13.12 0.65 9.91
N ARG B 43 13.93 0.45 10.96
CA ARG B 43 13.79 -0.56 12.00
C ARG B 43 12.49 -0.38 12.82
N ASN B 44 12.13 0.88 13.15
CA ASN B 44 10.95 1.22 13.95
C ASN B 44 9.72 1.38 13.06
N LYS B 45 9.93 1.27 11.77
CA LYS B 45 8.84 1.32 10.83
C LYS B 45 8.21 2.66 10.67
N ILE B 46 9.01 3.70 10.59
CA ILE B 46 8.47 5.06 10.45
C ILE B 46 8.39 5.32 8.95
N LEU B 47 9.32 4.70 8.22
CA LEU B 47 9.42 4.71 6.75
C LEU B 47 10.07 3.40 6.26
N ARG B 48 10.10 3.23 4.95
CA ARG B 48 10.74 2.11 4.25
C ARG B 48 11.90 2.69 3.41
N ALA B 49 13.16 2.35 3.76
CA ALA B 49 14.37 2.88 3.13
C ALA B 49 15.02 1.99 2.06
N TYR B 50 15.28 2.60 0.88
CA TYR B 50 15.93 1.92 -0.23
C TYR B 50 17.31 2.51 -0.47
N ILE B 51 18.25 1.65 -0.81
CA ILE B 51 19.63 2.09 -0.98
C ILE B 51 20.32 1.69 -2.27
N LEU B 52 21.04 2.65 -2.84
CA LEU B 52 21.84 2.45 -4.06
C LEU B 52 23.27 2.15 -3.59
N CYS B 53 23.82 0.98 -3.97
CA CYS B 53 25.15 0.55 -3.55
C CYS B 53 25.78 -0.45 -4.54
N ARG B 54 26.95 -1.03 -4.13
CA ARG B 54 27.72 -2.03 -4.87
C ARG B 54 27.77 -3.35 -4.09
N ARG B 59 29.71 -3.10 1.91
CA ARG B 59 28.60 -2.60 1.11
C ARG B 59 28.41 -1.08 1.32
N GLN B 60 29.18 -0.25 0.56
CA GLN B 60 29.18 1.22 0.65
C GLN B 60 27.98 1.87 -0.08
N VAL B 61 27.20 2.67 0.68
CA VAL B 61 26.02 3.42 0.25
C VAL B 61 26.41 4.61 -0.65
N LEU B 62 25.80 4.69 -1.85
CA LEU B 62 26.03 5.74 -2.86
C LEU B 62 24.77 6.54 -3.22
N GLY B 63 23.70 6.24 -2.50
CA GLY B 63 22.40 6.88 -2.68
C GLY B 63 21.34 6.16 -1.88
N TYR B 64 20.18 6.82 -1.67
CA TYR B 64 19.03 6.29 -0.92
C TYR B 64 17.79 7.08 -1.19
N TYR B 65 16.62 6.51 -0.83
CA TYR B 65 15.30 7.14 -0.90
C TYR B 65 14.39 6.53 0.14
N THR B 66 13.34 7.25 0.58
CA THR B 66 12.42 6.74 1.60
C THR B 66 10.98 6.77 1.13
N LEU B 67 10.19 5.76 1.53
CA LEU B 67 8.77 5.64 1.23
C LEU B 67 7.95 5.49 2.51
N CYS B 68 6.71 5.99 2.48
CA CYS B 68 5.73 5.86 3.57
C CYS B 68 4.32 6.06 3.06
N GLY B 69 3.42 5.20 3.50
CA GLY B 69 2.01 5.30 3.14
C GLY B 69 1.51 6.66 3.58
N SER B 70 0.64 7.25 2.78
CA SER B 70 0.10 8.58 3.04
C SER B 70 -1.31 8.72 2.53
N CYS B 71 -1.87 9.94 2.64
CA CYS B 71 -3.21 10.28 2.22
C CYS B 71 -3.40 11.73 1.89
N PHE B 72 -4.22 11.98 0.87
CA PHE B 72 -4.58 13.33 0.43
C PHE B 72 -6.10 13.59 0.50
N GLU B 73 -6.46 14.81 0.96
CA GLU B 73 -7.84 15.28 1.11
C GLU B 73 -7.96 16.79 0.87
N ARG B 74 -9.17 17.27 0.58
CA ARG B 74 -9.42 18.70 0.37
C ARG B 74 -9.53 19.41 1.71
N ALA B 75 -9.25 20.74 1.72
CA ALA B 75 -9.32 21.59 2.91
C ALA B 75 -10.72 22.20 3.14
N ALA B 76 -11.45 22.50 2.05
CA ALA B 76 -12.80 23.09 2.10
C ALA B 76 -13.89 22.08 1.75
N LYS B 89 -13.98 12.17 1.30
CA LYS B 89 -12.95 11.60 0.44
C LYS B 89 -11.54 11.79 1.02
N ASN B 90 -10.86 10.66 1.29
CA ASN B 90 -9.48 10.57 1.80
C ASN B 90 -8.81 9.49 0.95
N ILE B 91 -8.15 9.92 -0.14
CA ILE B 91 -7.56 9.04 -1.15
C ILE B 91 -6.11 8.51 -0.77
N PRO B 92 -5.90 7.17 -0.86
CA PRO B 92 -4.60 6.58 -0.53
C PRO B 92 -3.49 6.86 -1.53
N SER B 93 -2.26 6.97 -1.02
CA SER B 93 -1.06 7.23 -1.83
C SER B 93 0.19 6.81 -1.05
N VAL B 94 1.37 7.04 -1.64
CA VAL B 94 2.69 6.86 -1.02
C VAL B 94 3.40 8.23 -1.18
N THR B 95 4.26 8.59 -0.24
CA THR B 95 5.05 9.82 -0.23
C THR B 95 6.53 9.46 -0.25
N LEU B 96 7.28 9.99 -1.22
CA LEU B 96 8.73 9.82 -1.27
C LEU B 96 9.30 10.95 -0.40
N GLY B 97 9.64 10.62 0.85
CA GLY B 97 10.12 11.57 1.84
C GLY B 97 11.41 12.32 1.54
N ARG B 98 12.46 11.57 1.20
CA ARG B 98 13.82 12.03 0.92
C ARG B 98 14.42 11.21 -0.20
N LEU B 99 15.33 11.82 -0.95
CA LEU B 99 16.07 11.22 -2.07
C LEU B 99 17.44 11.91 -2.10
N ALA B 100 18.52 11.13 -2.25
CA ALA B 100 19.89 11.67 -2.26
C ALA B 100 20.83 10.83 -3.09
N ILE B 101 21.72 11.49 -3.84
CA ILE B 101 22.73 10.81 -4.65
C ILE B 101 24.08 11.35 -4.25
N ASP B 102 25.05 10.44 -4.00
CA ASP B 102 26.42 10.81 -3.68
C ASP B 102 27.02 11.65 -4.85
N ARG B 103 27.74 12.71 -4.51
CA ARG B 103 28.41 13.67 -5.40
C ARG B 103 29.23 13.02 -6.53
N SER B 104 29.77 11.80 -6.28
CA SER B 104 30.58 11.08 -7.25
C SER B 104 29.77 10.72 -8.49
N LEU B 105 28.48 10.36 -8.29
CA LEU B 105 27.59 9.90 -9.34
C LEU B 105 26.72 11.02 -10.00
N GLN B 106 27.13 12.29 -9.80
CA GLN B 106 26.50 13.47 -10.41
C GLN B 106 26.75 13.43 -11.90
N GLY B 107 25.73 13.77 -12.68
CA GLY B 107 25.79 13.80 -14.13
C GLY B 107 25.58 12.46 -14.80
N GLN B 108 25.07 11.47 -14.05
CA GLN B 108 24.83 10.09 -14.52
C GLN B 108 23.35 9.71 -14.53
N GLY B 109 22.52 10.45 -13.81
CA GLY B 109 21.09 10.23 -13.76
C GLY B 109 20.62 9.18 -12.79
N TRP B 110 21.38 8.93 -11.71
CA TRP B 110 20.99 7.90 -10.74
C TRP B 110 19.78 8.29 -9.90
N GLY B 111 19.58 9.60 -9.66
CA GLY B 111 18.43 10.10 -8.90
C GLY B 111 17.13 9.81 -9.62
N ALA B 112 17.17 9.92 -10.96
CA ALA B 112 16.02 9.64 -11.82
C ALA B 112 15.74 8.16 -11.77
N THR B 113 16.80 7.31 -11.76
CA THR B 113 16.66 5.85 -11.68
C THR B 113 16.01 5.44 -10.36
N LEU B 114 16.42 6.06 -9.21
CA LEU B 114 15.84 5.82 -7.89
C LEU B 114 14.34 6.13 -7.91
N VAL B 115 13.96 7.31 -8.48
CA VAL B 115 12.56 7.71 -8.72
C VAL B 115 11.83 6.61 -9.57
N ALA B 116 12.46 6.11 -10.66
CA ALA B 116 11.85 5.07 -11.48
C ALA B 116 11.61 3.78 -10.69
N HIS B 117 12.58 3.39 -9.82
CA HIS B 117 12.52 2.23 -8.93
C HIS B 117 11.34 2.44 -7.95
N ALA B 118 11.28 3.62 -7.28
CA ALA B 118 10.21 4.01 -6.35
C ALA B 118 8.84 3.90 -7.01
N MET B 119 8.73 4.38 -8.26
CA MET B 119 7.49 4.33 -9.07
C MET B 119 7.06 2.88 -9.24
N ASN B 120 8.03 1.99 -9.49
CA ASN B 120 7.77 0.58 -9.66
C ASN B 120 7.32 -0.11 -8.34
N VAL B 121 7.90 0.27 -7.19
CA VAL B 121 7.48 -0.29 -5.90
C VAL B 121 5.99 0.06 -5.67
N VAL B 122 5.63 1.36 -5.86
CA VAL B 122 4.29 1.91 -5.71
C VAL B 122 3.37 1.21 -6.72
N TRP B 123 3.84 0.98 -7.95
CA TRP B 123 3.12 0.24 -9.00
C TRP B 123 2.80 -1.20 -8.45
N SER B 124 3.79 -1.90 -7.91
CA SER B 124 3.56 -3.23 -7.33
C SER B 124 2.57 -3.21 -6.16
N ALA B 125 2.76 -2.25 -5.25
CA ALA B 125 1.90 -2.01 -4.09
C ALA B 125 0.44 -1.75 -4.48
N SER B 126 0.19 -0.74 -5.36
CA SER B 126 -1.14 -0.37 -5.85
C SER B 126 -1.84 -1.57 -6.46
N LEU B 127 -1.09 -2.42 -7.21
CA LEU B 127 -1.67 -3.63 -7.80
C LEU B 127 -2.08 -4.70 -6.70
N ALA B 128 -1.53 -4.59 -5.49
CA ALA B 128 -1.86 -5.52 -4.43
C ALA B 128 -3.05 -5.04 -3.58
N VAL B 129 -3.04 -3.72 -3.19
CA VAL B 129 -4.02 -3.13 -2.28
C VAL B 129 -4.75 -1.83 -2.76
N GLY B 130 -4.37 -1.23 -3.87
CA GLY B 130 -5.04 -0.01 -4.34
C GLY B 130 -4.45 1.31 -3.87
N ILE B 131 -3.49 1.86 -4.60
CA ILE B 131 -2.84 3.13 -4.28
C ILE B 131 -2.97 4.04 -5.54
N HIS B 132 -3.49 5.27 -5.35
CA HIS B 132 -3.85 6.14 -6.47
C HIS B 132 -2.77 7.08 -6.95
N GLY B 133 -1.68 7.23 -6.21
CA GLY B 133 -0.60 8.09 -6.65
C GLY B 133 0.63 8.09 -5.77
N LEU B 134 1.62 8.85 -6.24
CA LEU B 134 2.87 9.05 -5.54
C LEU B 134 3.11 10.54 -5.33
N PHE B 135 3.41 10.89 -4.09
CA PHE B 135 3.70 12.25 -3.66
C PHE B 135 5.18 12.35 -3.42
N VAL B 136 5.79 13.48 -3.70
CA VAL B 136 7.20 13.64 -3.43
C VAL B 136 7.40 14.93 -2.74
N GLU B 137 8.41 14.95 -1.93
CA GLU B 137 8.75 16.11 -1.12
C GLU B 137 9.98 16.80 -1.71
N ALA B 138 9.87 18.11 -1.99
CA ALA B 138 10.91 18.95 -2.59
C ALA B 138 11.07 20.18 -1.73
N LEU B 139 12.16 20.24 -0.94
CA LEU B 139 12.37 21.33 0.02
C LEU B 139 13.10 22.55 -0.51
N ASN B 140 13.73 22.42 -1.70
CA ASN B 140 14.50 23.47 -2.34
C ASN B 140 14.25 23.48 -3.88
N GLU B 141 14.61 24.60 -4.55
CA GLU B 141 14.39 24.78 -5.99
C GLU B 141 15.01 23.67 -6.86
N LYS B 142 16.26 23.22 -6.56
CA LYS B 142 16.92 22.15 -7.32
C LYS B 142 16.04 20.90 -7.36
N ALA B 143 15.45 20.50 -6.19
CA ALA B 143 14.55 19.35 -6.06
C ALA B 143 13.27 19.54 -6.86
N HIS B 144 12.63 20.73 -6.71
CA HIS B 144 11.42 21.07 -7.47
C HIS B 144 11.60 20.95 -8.98
N THR B 145 12.68 21.55 -9.54
CA THR B 145 12.90 21.47 -10.99
C THR B 145 13.25 20.05 -11.43
N PHE B 146 13.86 19.25 -10.56
CA PHE B 146 14.23 17.89 -10.91
C PHE B 146 13.01 17.00 -11.00
N PHE B 147 12.15 17.02 -9.94
CA PHE B 147 10.94 16.22 -9.89
C PHE B 147 9.98 16.59 -10.99
N LYS B 148 9.84 17.90 -11.26
CA LYS B 148 8.99 18.42 -12.33
C LYS B 148 9.53 17.93 -13.69
N SER B 149 10.87 17.91 -13.87
CA SER B 149 11.47 17.44 -15.12
C SER B 149 11.15 15.96 -15.36
N LEU B 150 10.53 15.30 -14.38
CA LEU B 150 10.15 13.90 -14.47
C LEU B 150 8.64 13.71 -14.66
N GLY B 151 7.93 14.83 -14.88
CA GLY B 151 6.49 14.84 -15.11
C GLY B 151 5.61 15.11 -13.90
N PHE B 152 6.20 15.20 -12.68
CA PHE B 152 5.43 15.46 -11.46
C PHE B 152 4.65 16.78 -11.57
N ILE B 153 3.43 16.79 -11.03
CA ILE B 153 2.50 17.92 -11.08
C ILE B 153 2.81 18.87 -9.92
N PRO B 154 3.30 20.11 -10.22
CA PRO B 154 3.64 21.04 -9.14
C PRO B 154 2.40 21.57 -8.43
N LEU B 155 2.46 21.62 -7.10
CA LEU B 155 1.35 22.07 -6.29
C LEU B 155 1.61 23.48 -5.77
N VAL B 156 0.66 24.10 -5.04
CA VAL B 156 0.82 25.50 -4.68
C VAL B 156 0.29 25.85 -3.24
N GLY B 157 0.56 27.07 -2.78
CA GLY B 157 0.16 27.57 -1.47
C GLY B 157 0.78 26.80 -0.33
N GLU B 158 -0.06 26.19 0.51
CA GLU B 158 0.37 25.36 1.63
C GLU B 158 0.91 24.00 1.15
N ASN B 159 1.00 23.81 -0.18
CA ASN B 159 1.43 22.56 -0.81
C ASN B 159 2.57 22.71 -1.80
N GLU B 160 3.14 23.93 -1.92
CA GLU B 160 4.23 24.21 -2.86
C GLU B 160 5.43 23.26 -2.74
N ASN B 161 5.68 22.69 -1.55
CA ASN B 161 6.78 21.75 -1.34
C ASN B 161 6.48 20.31 -1.78
N ALA B 162 5.24 20.03 -2.20
CA ALA B 162 4.82 18.69 -2.67
C ALA B 162 4.52 18.66 -4.18
N LEU B 163 4.77 17.49 -4.80
CA LEU B 163 4.52 17.25 -6.23
C LEU B 163 3.84 15.89 -6.37
N PHE B 164 2.93 15.74 -7.35
CA PHE B 164 2.17 14.49 -7.53
C PHE B 164 2.37 13.77 -8.89
N PHE B 165 2.20 12.45 -8.88
CA PHE B 165 2.23 11.63 -10.09
C PHE B 165 1.20 10.49 -9.93
N PRO B 166 0.17 10.37 -10.80
CA PRO B 166 -0.82 9.29 -10.62
C PRO B 166 -0.29 7.92 -10.99
N THR B 167 -0.86 6.83 -10.40
CA THR B 167 -0.51 5.43 -10.67
C THR B 167 -0.78 5.07 -12.16
N LYS B 168 -1.81 5.69 -12.79
CA LYS B 168 -2.10 5.46 -14.21
C LYS B 168 -0.88 5.85 -15.07
N SER B 169 -0.19 6.96 -14.73
CA SER B 169 1.00 7.40 -15.45
C SER B 169 2.19 6.45 -15.14
N ILE B 170 2.29 5.96 -13.87
CA ILE B 170 3.31 4.99 -13.45
C ILE B 170 3.10 3.67 -14.28
N GLU B 171 1.83 3.23 -14.41
CA GLU B 171 1.46 2.03 -15.15
C GLU B 171 1.91 2.17 -16.59
N LEU B 172 1.66 3.34 -17.22
CA LEU B 172 2.07 3.67 -18.60
C LEU B 172 3.59 3.59 -18.80
N LEU B 173 4.38 4.16 -17.86
CA LEU B 173 5.84 4.12 -17.89
C LEU B 173 6.36 2.66 -18.01
N PHE B 174 5.66 1.71 -17.34
CA PHE B 174 6.07 0.31 -17.27
C PHE B 174 5.28 -0.65 -18.16
N THR B 175 4.19 -0.20 -18.79
CA THR B 175 3.37 -1.04 -19.67
C THR B 175 3.70 -0.78 -21.14
N GLN B 176 4.14 0.46 -21.47
CA GLN B 176 4.51 0.88 -22.82
C GLN B 176 6.04 0.95 -23.04
N GLU C 7 -16.60 6.18 -1.96
CA GLU C 7 -15.94 6.35 -0.67
C GLU C 7 -16.43 5.32 0.37
N GLN C 8 -16.09 4.04 0.12
CA GLN C 8 -16.46 2.92 0.98
C GLN C 8 -15.29 2.47 1.88
N HIS C 9 -15.33 2.93 3.15
CA HIS C 9 -14.37 2.65 4.24
C HIS C 9 -12.89 3.00 3.91
N ARG C 10 -12.66 3.95 2.97
CA ARG C 10 -11.34 4.45 2.56
C ARG C 10 -10.92 5.68 3.42
N ARG C 11 -11.81 6.15 4.30
CA ARG C 11 -11.49 7.22 5.25
C ARG C 11 -12.15 6.93 6.57
N VAL C 12 -11.38 6.31 7.44
CA VAL C 12 -11.80 5.95 8.77
C VAL C 12 -11.63 7.20 9.65
N ILE C 13 -12.74 7.85 10.00
CA ILE C 13 -12.77 9.03 10.89
C ILE C 13 -13.12 8.57 12.32
N LEU C 14 -12.11 8.09 13.07
CA LEU C 14 -12.20 7.49 14.41
C LEU C 14 -12.52 8.44 15.60
N ASN C 15 -13.52 8.02 16.41
CA ASN C 15 -13.88 8.71 17.65
C ASN C 15 -12.74 8.45 18.65
N GLU C 16 -12.55 9.35 19.62
CA GLU C 16 -11.47 9.29 20.59
C GLU C 16 -11.24 7.90 21.20
N GLU C 17 -12.29 7.15 21.56
CA GLU C 17 -12.14 5.79 22.13
C GLU C 17 -11.64 4.79 21.10
N SER C 18 -12.23 4.77 19.89
CA SER C 18 -11.81 3.89 18.81
C SER C 18 -10.36 4.18 18.43
N TRP C 19 -9.96 5.47 18.49
CA TRP C 19 -8.60 5.94 18.20
C TRP C 19 -7.60 5.31 19.16
N THR C 20 -7.85 5.39 20.49
CA THR C 20 -6.97 4.85 21.54
C THR C 20 -6.78 3.34 21.41
N ARG C 21 -7.86 2.58 21.05
CA ARG C 21 -7.86 1.14 20.81
C ARG C 21 -6.83 0.79 19.76
N VAL C 22 -6.79 1.55 18.64
CA VAL C 22 -5.82 1.38 17.55
C VAL C 22 -4.41 1.76 18.04
N MET C 23 -4.26 2.96 18.62
CA MET C 23 -2.99 3.41 19.17
C MET C 23 -2.37 2.37 20.07
N ASP C 24 -3.22 1.72 20.90
CA ASP C 24 -2.85 0.68 21.87
C ASP C 24 -2.58 -0.63 21.18
N ALA C 25 -3.25 -0.91 20.06
CA ALA C 25 -3.02 -2.14 19.31
C ALA C 25 -1.63 -2.06 18.65
N LEU C 26 -1.18 -0.83 18.28
CA LEU C 26 0.13 -0.61 17.67
C LEU C 26 1.29 -0.74 18.68
N SER C 27 1.07 -0.27 19.93
CA SER C 27 2.09 -0.30 20.99
C SER C 27 2.12 -1.62 21.70
N ASN C 28 0.96 -2.29 21.74
CA ASN C 28 0.80 -3.63 22.32
C ASN C 28 0.12 -4.55 21.31
N PRO C 29 0.84 -4.97 20.26
CA PRO C 29 0.21 -5.79 19.22
C PRO C 29 -0.28 -7.15 19.70
N PRO C 30 -1.57 -7.46 19.45
CA PRO C 30 -2.10 -8.80 19.82
C PRO C 30 -1.26 -9.98 19.35
N SER C 31 -1.18 -11.02 20.17
CA SER C 31 -0.46 -12.24 19.80
C SER C 31 -1.43 -13.07 18.98
N PRO C 32 -1.06 -13.51 17.74
CA PRO C 32 -1.99 -14.32 16.93
C PRO C 32 -2.53 -15.54 17.67
N GLY C 33 -3.86 -15.65 17.68
CA GLY C 33 -4.60 -16.72 18.32
C GLY C 33 -4.49 -18.04 17.58
N GLU C 34 -4.90 -19.15 18.24
CA GLU C 34 -4.85 -20.50 17.69
C GLU C 34 -5.65 -20.68 16.37
N LYS C 35 -6.76 -19.98 16.24
CA LYS C 35 -7.53 -20.07 15.02
C LYS C 35 -6.78 -19.44 13.89
N LEU C 36 -6.35 -18.20 14.06
CA LEU C 36 -5.61 -17.49 13.00
C LEU C 36 -4.39 -18.26 12.51
N LYS C 37 -3.61 -18.85 13.46
CA LYS C 37 -2.43 -19.66 13.15
C LYS C 37 -2.80 -20.85 12.22
N ARG C 38 -3.97 -21.51 12.46
CA ARG C 38 -4.49 -22.62 11.64
C ARG C 38 -4.72 -22.15 10.19
N ALA C 39 -5.41 -21.00 10.04
CA ALA C 39 -5.67 -20.38 8.73
C ALA C 39 -4.35 -20.12 8.00
N ALA C 40 -3.31 -19.64 8.72
CA ALA C 40 -1.98 -19.41 8.14
C ALA C 40 -1.28 -20.74 7.74
N LYS C 41 -1.54 -21.86 8.46
CA LYS C 41 -0.97 -23.18 8.14
C LYS C 41 -1.60 -23.71 6.84
N ARG C 42 -2.90 -23.39 6.61
CA ARG C 42 -3.65 -23.78 5.41
CA ARG C 42 -3.68 -23.76 5.42
C ARG C 42 -3.08 -23.06 4.20
N LEU C 43 -2.77 -21.74 4.36
CA LEU C 43 -2.19 -20.82 3.38
C LEU C 43 -0.79 -21.27 2.94
N GLN C 44 -0.02 -21.88 3.87
CA GLN C 44 1.30 -22.43 3.63
C GLN C 44 1.25 -23.57 2.60
N GLY C 45 0.28 -24.49 2.76
CA GLY C 45 0.10 -25.64 1.89
C GLY C 45 -0.54 -25.38 0.54
N MET C 46 -0.81 -24.11 0.21
CA MET C 46 -1.44 -23.70 -1.04
C MET C 46 -0.43 -23.04 -1.99
N HIS D 9 3.39 6.86 7.17
CA HIS D 9 2.63 7.84 7.95
C HIS D 9 2.83 9.33 7.50
N ARG D 10 1.96 9.83 6.59
CA ARG D 10 1.98 11.22 6.08
C ARG D 10 0.56 11.71 5.74
N ARG D 11 0.29 13.01 6.01
CA ARG D 11 -1.03 13.64 5.80
C ARG D 11 -0.98 14.88 4.90
N VAL D 12 -1.45 14.72 3.67
CA VAL D 12 -1.45 15.84 2.76
C VAL D 12 -2.84 16.42 2.64
N ILE D 13 -2.94 17.67 3.06
CA ILE D 13 -4.17 18.46 2.97
C ILE D 13 -3.95 19.45 1.81
N LEU D 14 -4.77 19.34 0.76
CA LEU D 14 -4.66 20.16 -0.46
C LEU D 14 -5.66 21.30 -0.54
N ASN D 15 -5.19 22.49 -0.97
CA ASN D 15 -6.06 23.66 -1.20
C ASN D 15 -6.86 23.43 -2.49
N GLU D 16 -7.91 24.23 -2.74
CA GLU D 16 -8.80 24.05 -3.91
C GLU D 16 -8.06 23.93 -5.25
N GLU D 17 -7.01 24.75 -5.49
CA GLU D 17 -6.21 24.72 -6.72
C GLU D 17 -5.33 23.48 -6.77
N SER D 18 -4.57 23.18 -5.68
CA SER D 18 -3.70 22.00 -5.58
C SER D 18 -4.52 20.72 -5.82
N TRP D 19 -5.70 20.63 -5.23
CA TRP D 19 -6.65 19.55 -5.36
C TRP D 19 -7.12 19.40 -6.81
N THR D 20 -7.45 20.50 -7.54
CA THR D 20 -7.91 20.33 -8.93
C THR D 20 -6.80 19.81 -9.83
N ARG D 21 -5.55 20.23 -9.60
CA ARG D 21 -4.43 19.76 -10.41
C ARG D 21 -4.32 18.25 -10.30
N VAL D 22 -4.44 17.73 -9.05
CA VAL D 22 -4.37 16.32 -8.69
C VAL D 22 -5.52 15.56 -9.35
N MET D 23 -6.75 16.09 -9.20
CA MET D 23 -7.97 15.54 -9.79
C MET D 23 -7.84 15.41 -11.30
N ASP D 24 -7.29 16.45 -11.96
CA ASP D 24 -7.03 16.46 -13.41
C ASP D 24 -6.03 15.41 -13.81
N ALA D 25 -4.98 15.18 -12.99
CA ALA D 25 -3.97 14.15 -13.24
C ALA D 25 -4.61 12.77 -13.09
N LEU D 26 -5.52 12.56 -12.12
CA LEU D 26 -6.19 11.27 -11.97
C LEU D 26 -7.18 11.00 -13.13
N SER D 27 -7.95 12.06 -13.54
CA SER D 27 -8.93 11.99 -14.64
C SER D 27 -8.22 11.85 -15.97
N ASN D 28 -7.30 12.78 -16.26
CA ASN D 28 -6.51 12.82 -17.48
C ASN D 28 -5.04 12.58 -17.13
N PRO D 29 -4.61 11.28 -17.01
CA PRO D 29 -3.21 11.00 -16.63
C PRO D 29 -2.19 11.40 -17.69
N PRO D 30 -1.15 12.18 -17.25
CA PRO D 30 -0.13 12.65 -18.20
C PRO D 30 0.70 11.49 -18.74
N SER D 31 1.15 11.61 -20.00
CA SER D 31 1.96 10.55 -20.59
C SER D 31 3.40 10.70 -20.10
N PRO D 32 4.07 9.61 -19.63
CA PRO D 32 5.49 9.70 -19.22
C PRO D 32 6.39 10.31 -20.30
N GLY D 33 7.25 11.27 -19.93
CA GLY D 33 8.17 11.98 -20.83
C GLY D 33 9.46 11.22 -21.14
N GLU D 34 10.32 11.77 -22.04
CA GLU D 34 11.56 11.08 -22.42
CA GLU D 34 11.57 11.10 -22.43
C GLU D 34 12.55 10.84 -21.26
N LYS D 35 12.77 11.85 -20.39
CA LYS D 35 13.68 11.77 -19.24
C LYS D 35 13.35 10.62 -18.29
N LEU D 36 12.05 10.45 -17.97
CA LEU D 36 11.52 9.41 -17.07
C LEU D 36 11.59 8.04 -17.72
N LYS D 37 11.29 7.99 -19.01
CA LYS D 37 11.31 6.78 -19.80
C LYS D 37 12.75 6.24 -19.85
N ARG D 38 13.75 7.16 -19.91
CA ARG D 38 15.18 6.84 -19.95
C ARG D 38 15.58 6.24 -18.62
N ALA D 39 15.06 6.84 -17.50
CA ALA D 39 15.29 6.37 -16.13
C ALA D 39 14.77 4.94 -15.93
N ALA D 40 13.57 4.63 -16.45
CA ALA D 40 13.00 3.28 -16.36
C ALA D 40 13.92 2.29 -17.08
N LYS D 41 14.33 2.65 -18.30
CA LYS D 41 15.20 1.90 -19.18
C LYS D 41 16.60 1.67 -18.54
N ARG D 42 17.12 2.69 -17.81
CA ARG D 42 18.40 2.63 -17.10
C ARG D 42 18.29 1.60 -15.96
N LEU D 43 17.12 1.54 -15.33
CA LEU D 43 16.73 0.62 -14.25
C LEU D 43 16.67 -0.84 -14.74
N GLN D 44 16.15 -1.05 -15.92
CA GLN D 44 16.00 -2.38 -16.48
C GLN D 44 17.28 -3.06 -16.85
N GLY D 45 18.33 -2.30 -17.02
CA GLY D 45 19.61 -2.88 -17.28
C GLY D 45 20.13 -3.19 -15.89
N MET D 46 20.85 -2.23 -15.34
CA MET D 46 21.38 -2.35 -13.99
C MET D 46 22.11 -3.65 -13.73
N1A ACO E . -12.17 -27.76 8.66
C2A ACO E . -13.36 -27.59 9.28
N3A ACO E . -13.69 -26.50 9.99
C4A ACO E . -12.80 -25.48 10.13
C5A ACO E . -11.48 -25.59 9.49
C6A ACO E . -11.20 -26.83 8.72
N6A ACO E . -10.01 -27.01 8.10
N7A ACO E . -10.82 -24.46 9.79
C8A ACO E . -11.64 -23.69 10.55
N9A ACO E . -12.82 -24.29 10.75
C1B ACO E . -13.96 -23.74 11.54
C2B ACO E . -13.62 -22.34 12.00
O2B ACO E . -13.44 -22.32 13.43
C3B ACO E . -14.77 -21.45 11.54
O3B ACO E . -15.50 -20.89 12.63
P3B ACO E . -16.58 -19.72 12.39
O7A ACO E . -16.84 -19.16 13.76
O8A ACO E . -15.87 -18.77 11.45
O9A ACO E . -17.77 -20.44 11.77
C4B ACO E . -15.69 -22.35 10.73
O4B ACO E . -15.13 -23.67 10.72
C5B ACO E . -15.84 -21.84 9.30
O5B ACO E . -14.58 -21.40 8.82
P1A ACO E . -14.25 -19.82 8.70
O1A ACO E . -13.62 -19.38 9.99
O2A ACO E . -13.55 -19.59 7.39
O3A ACO E . -15.72 -19.16 8.61
P2A ACO E . -16.66 -19.43 7.32
O4A ACO E . -15.76 -19.60 6.12
O5A ACO E . -17.66 -20.50 7.67
O6A ACO E . -17.44 -18.03 7.18
CBP ACO E . -18.66 -16.08 7.91
CCP ACO E . -17.82 -17.28 8.33
CDP ACO E . -19.46 -15.56 9.10
CEP ACO E . -19.60 -16.48 6.78
CAP ACO E . -17.72 -14.99 7.41
OAP ACO E . -17.14 -15.38 6.16
C9P ACO E . -18.50 -13.72 7.22
O9P ACO E . -18.36 -12.79 7.99
N8P ACO E . -19.33 -13.68 6.18
C7P ACO E . -19.81 -12.42 5.63
C6P ACO E . -21.28 -12.18 5.94
C5P ACO E . -22.08 -13.41 5.58
O5P ACO E . -21.69 -14.17 4.71
N4P ACO E . -23.20 -13.61 6.27
C3P ACO E . -24.06 -14.75 5.99
C2P ACO E . -25.53 -14.37 6.03
S1P ACO E . -26.44 -15.61 6.91
C ACO E . -26.74 -14.78 8.32
O ACO E . -27.59 -15.20 9.09
CH3 ACO E . -25.95 -13.55 8.63
MG MG F . -15.25 -22.38 5.16
C1 GOL G . 21.94 15.43 -10.85
O1 GOL G . 23.29 15.89 -11.01
C2 GOL G . 21.82 13.94 -11.07
O2 GOL G . 22.31 13.61 -12.40
C3 GOL G . 20.36 13.57 -10.93
O3 GOL G . 20.14 12.15 -10.81
#